data_6QGI
#
_entry.id   6QGI
#
_cell.length_a   48.080
_cell.length_b   93.220
_cell.length_c   121.820
_cell.angle_alpha   90.00
_cell.angle_beta   90.00
_cell.angle_gamma   90.00
#
_symmetry.space_group_name_H-M   'P 21 21 21'
#
loop_
_entity.id
_entity.type
_entity.pdbx_description
1 polymer VP5
2 non-polymer 2-acetamido-2-deoxy-beta-D-glucopyranose
3 non-polymer 'CHLORIDE ION'
4 water water
#
_entity_poly.entity_id   1
_entity_poly.type   'polypeptide(L)'
_entity_poly.pdbx_seq_one_letter_code
;IAPLVGVGLAAGAVGVGWALREFEIVGSDAPPEGLTADALKQQVYQTAKTRKSTNASTIVDNQNILDGVKHTAYTDAKIA
AIEELNAGSAESAVLDAATTEVNSYLTTVQSNFLKTWNESVAELDSILSTVVNHPDIGKGDVFLMLNGSDNTIEDLLANP
SGSTDATSFTLADGTTMSVGTVEVDRGTESYYYDPMSGLVGDLGDLKNGGPTVQYDGDSLVYLNASNWKPIYDEMDTVLQ
NVRSGISTWVSNVYGDVQSGEIEVSDLVTPRERAAMMAQEEGMSQAIADLIALNVPVDAEREATITIQDTGATLPGTFAL
TDASDGPLESGKTYDPSTFSGDVYFTADMSLVEGDWTAYQSGVDGGNVTLTSEPYSGTAVELNTAANETVAVDAGNWTAT
GNGTWYHDVSPELETDITSIESARFLSTAEQTQYETIQLQGSFTIDKLTNTQTGEEVTATSFDSSEPHTDSNYITQEEWD
QLEQQNKELIEKYEQSQSGGGLDLGQFDMFGIPGEIVAVGVAALVGLGVLGNN
;
_entity_poly.pdbx_strand_id   A
#
# COMPACT_ATOMS: atom_id res chain seq x y z
N ILE A 1 -12.21 16.01 7.31
CA ILE A 1 -12.36 14.65 7.82
C ILE A 1 -11.01 13.91 7.81
N ALA A 2 -10.78 13.08 8.85
CA ALA A 2 -9.59 12.25 9.01
C ALA A 2 -9.80 10.87 8.35
N PRO A 3 -8.82 10.33 7.60
CA PRO A 3 -9.03 8.99 6.99
C PRO A 3 -9.09 7.88 8.05
N LEU A 4 -10.13 7.02 7.96
CA LEU A 4 -10.41 5.89 8.87
C LEU A 4 -9.22 4.95 8.99
N VAL A 5 -8.65 4.52 7.84
CA VAL A 5 -7.51 3.62 7.79
C VAL A 5 -6.26 4.31 8.37
N GLY A 6 -5.99 5.53 7.90
CA GLY A 6 -4.83 6.32 8.31
C GLY A 6 -4.78 6.76 9.76
N VAL A 7 -5.92 7.23 10.31
CA VAL A 7 -5.97 7.74 11.67
C VAL A 7 -6.66 6.75 12.62
N GLY A 8 -7.89 6.35 12.29
CA GLY A 8 -8.69 5.45 13.11
C GLY A 8 -8.07 4.10 13.36
N LEU A 9 -7.46 3.50 12.32
CA LEU A 9 -6.85 2.17 12.44
C LEU A 9 -5.33 2.26 12.53
N ALA A 10 -4.75 3.48 12.41
CA ALA A 10 -3.29 3.75 12.43
C ALA A 10 -2.60 2.79 11.45
N ALA A 11 -3.24 2.63 10.28
CA ALA A 11 -2.85 1.70 9.23
C ALA A 11 -2.58 2.42 7.90
N GLY A 12 -2.33 1.64 6.85
CA GLY A 12 -2.12 2.14 5.50
C GLY A 12 -2.93 1.33 4.51
N ALA A 13 -3.38 1.97 3.42
CA ALA A 13 -4.11 1.28 2.36
C ALA A 13 -3.14 0.34 1.63
N VAL A 14 -3.64 -0.77 1.08
CA VAL A 14 -2.73 -1.72 0.42
C VAL A 14 -3.15 -1.88 -1.06
N GLY A 15 -2.18 -1.63 -1.95
CA GLY A 15 -2.30 -1.79 -3.40
C GLY A 15 -1.05 -2.49 -3.90
N VAL A 16 -1.14 -3.78 -4.24
CA VAL A 16 0.05 -4.56 -4.64
C VAL A 16 -0.10 -5.15 -6.07
N GLY A 17 -1.18 -4.77 -6.77
CA GLY A 17 -1.45 -5.25 -8.12
C GLY A 17 -0.37 -4.91 -9.13
N TRP A 18 0.38 -3.82 -8.86
CA TRP A 18 1.49 -3.30 -9.66
C TRP A 18 2.65 -4.29 -9.75
N ALA A 19 2.75 -5.20 -8.78
CA ALA A 19 3.78 -6.23 -8.74
C ALA A 19 3.30 -7.49 -9.47
N LEU A 20 2.03 -7.51 -9.90
CA LEU A 20 1.45 -8.67 -10.59
C LEU A 20 1.09 -8.39 -12.05
N ARG A 21 0.55 -7.20 -12.34
CA ARG A 21 0.10 -6.82 -13.69
C ARG A 21 0.20 -5.31 -13.90
N GLU A 22 -0.11 -4.83 -15.12
CA GLU A 22 -0.16 -3.41 -15.43
C GLU A 22 -1.24 -2.78 -14.53
N PHE A 23 -0.84 -1.80 -13.71
CA PHE A 23 -1.71 -1.17 -12.72
C PHE A 23 -2.07 0.25 -13.09
N GLU A 24 -3.27 0.70 -12.66
CA GLU A 24 -3.72 2.07 -12.93
C GLU A 24 -3.13 3.00 -11.90
N ILE A 25 -2.23 3.88 -12.34
CA ILE A 25 -1.56 4.83 -11.46
C ILE A 25 -2.45 6.07 -11.28
N VAL A 26 -2.48 6.60 -10.04
CA VAL A 26 -3.23 7.79 -9.64
C VAL A 26 -2.59 9.01 -10.32
N GLY A 27 -3.32 9.59 -11.27
CA GLY A 27 -2.89 10.74 -12.06
C GLY A 27 -2.58 11.96 -11.24
N SER A 28 -1.67 12.81 -11.77
CA SER A 28 -1.23 14.07 -11.16
C SER A 28 -2.43 14.97 -10.86
N ASP A 29 -2.48 15.50 -9.63
CA ASP A 29 -3.55 16.40 -9.16
C ASP A 29 -2.92 17.61 -8.45
N ALA A 30 -2.10 18.37 -9.20
CA ALA A 30 -1.46 19.56 -8.69
C ALA A 30 -2.46 20.70 -8.52
N PRO A 31 -2.32 21.54 -7.45
CA PRO A 31 -3.25 22.65 -7.26
C PRO A 31 -3.30 23.60 -8.45
N PRO A 32 -4.47 24.21 -8.72
CA PRO A 32 -4.58 25.13 -9.84
C PRO A 32 -3.97 26.51 -9.59
N GLU A 33 -3.80 27.29 -10.65
CA GLU A 33 -3.35 28.67 -10.55
C GLU A 33 -4.59 29.52 -10.26
N GLY A 34 -4.39 30.73 -9.77
CA GLY A 34 -5.50 31.62 -9.45
C GLY A 34 -6.09 31.44 -8.07
N LEU A 35 -5.40 30.66 -7.23
CA LEU A 35 -5.83 30.40 -5.85
C LEU A 35 -5.35 31.50 -4.90
N THR A 36 -5.98 31.60 -3.71
CA THR A 36 -5.53 32.55 -2.69
C THR A 36 -4.21 32.03 -2.14
N ALA A 37 -3.39 32.91 -1.55
CA ALA A 37 -2.09 32.55 -0.98
C ALA A 37 -2.20 31.33 -0.02
N ASP A 38 -3.09 31.39 0.99
CA ASP A 38 -3.27 30.32 1.97
C ASP A 38 -3.76 29.00 1.33
N ALA A 39 -4.78 29.07 0.45
CA ALA A 39 -5.37 27.93 -0.26
C ALA A 39 -4.34 27.17 -1.06
N LEU A 40 -3.41 27.87 -1.75
CA LEU A 40 -2.35 27.21 -2.53
C LEU A 40 -1.42 26.43 -1.61
N LYS A 41 -1.01 27.04 -0.50
CA LYS A 41 -0.14 26.43 0.51
C LYS A 41 -0.80 25.17 1.10
N GLN A 42 -2.12 25.24 1.33
CA GLN A 42 -2.98 24.19 1.84
C GLN A 42 -3.11 23.05 0.83
N GLN A 43 -3.43 23.40 -0.43
CA GLN A 43 -3.64 22.45 -1.53
C GLN A 43 -2.34 21.79 -1.95
N VAL A 44 -1.18 22.49 -1.86
CA VAL A 44 0.14 21.93 -2.17
C VAL A 44 0.44 20.85 -1.10
N TYR A 45 0.12 21.16 0.18
CA TYR A 45 0.31 20.26 1.31
C TYR A 45 -0.58 19.03 1.15
N GLN A 46 -1.85 19.24 0.75
CA GLN A 46 -2.84 18.18 0.53
C GLN A 46 -2.44 17.31 -0.67
N THR A 47 -1.93 17.92 -1.77
CA THR A 47 -1.47 17.21 -2.96
C THR A 47 -0.26 16.30 -2.60
N ALA A 48 0.68 16.81 -1.78
CA ALA A 48 1.85 16.06 -1.36
C ALA A 48 1.50 14.96 -0.35
N LYS A 49 0.50 15.19 0.52
CA LYS A 49 0.03 14.25 1.55
C LYS A 49 -0.66 13.07 0.89
N THR A 50 -1.48 13.34 -0.14
CA THR A 50 -2.21 12.32 -0.89
C THR A 50 -1.23 11.54 -1.75
N ARG A 51 -0.24 12.22 -2.37
CA ARG A 51 0.78 11.55 -3.18
C ARG A 51 1.61 10.61 -2.33
N LYS A 52 2.04 11.06 -1.12
CA LYS A 52 2.83 10.27 -0.17
C LYS A 52 2.04 9.04 0.28
N SER A 53 0.73 9.21 0.50
CA SER A 53 -0.16 8.13 0.92
C SER A 53 -0.36 7.10 -0.19
N THR A 54 -0.63 7.53 -1.45
CA THR A 54 -0.82 6.60 -2.58
C THR A 54 0.50 5.92 -2.98
N ASN A 55 1.66 6.60 -2.81
CA ASN A 55 2.97 5.99 -3.10
C ASN A 55 3.33 4.97 -2.04
N ALA A 56 2.88 5.21 -0.78
CA ALA A 56 3.09 4.31 0.35
C ALA A 56 2.14 3.13 0.25
N SER A 57 0.87 3.37 -0.10
CA SER A 57 -0.16 2.35 -0.25
C SER A 57 0.21 1.31 -1.28
N THR A 58 0.94 1.72 -2.32
CA THR A 58 1.31 0.83 -3.40
C THR A 58 2.76 0.37 -3.32
N ILE A 59 3.73 1.30 -3.34
CA ILE A 59 5.15 0.92 -3.41
C ILE A 59 5.96 1.03 -2.09
N VAL A 60 6.00 2.21 -1.46
CA VAL A 60 6.86 2.52 -0.33
C VAL A 60 6.59 1.64 0.90
N ASP A 61 5.31 1.40 1.27
CA ASP A 61 5.01 0.60 2.46
C ASP A 61 5.06 -0.92 2.23
N ASN A 62 5.21 -1.36 0.97
CA ASN A 62 5.22 -2.79 0.67
C ASN A 62 6.50 -3.21 -0.08
N GLN A 63 7.63 -3.19 0.61
CA GLN A 63 8.93 -3.57 0.04
C GLN A 63 9.18 -5.06 0.22
N ASN A 64 8.42 -5.69 1.13
CA ASN A 64 8.57 -7.10 1.49
C ASN A 64 7.67 -8.04 0.68
N ILE A 65 7.02 -7.53 -0.38
CA ILE A 65 6.16 -8.35 -1.27
C ILE A 65 6.97 -8.79 -2.50
N LEU A 66 8.23 -8.33 -2.61
CA LEU A 66 9.15 -8.63 -3.72
C LEU A 66 9.59 -10.09 -3.71
N ASP A 67 9.51 -10.77 -2.54
CA ASP A 67 9.78 -12.21 -2.44
C ASP A 67 8.72 -12.96 -3.26
N GLY A 68 7.50 -12.40 -3.27
CA GLY A 68 6.38 -12.89 -4.05
C GLY A 68 6.54 -12.61 -5.53
N VAL A 69 7.28 -11.53 -5.87
CA VAL A 69 7.58 -11.17 -7.26
C VAL A 69 8.52 -12.24 -7.81
N LYS A 70 9.54 -12.62 -7.00
CA LYS A 70 10.53 -13.67 -7.29
C LYS A 70 9.81 -15.00 -7.54
N HIS A 71 8.81 -15.34 -6.70
CA HIS A 71 8.00 -16.56 -6.77
C HIS A 71 7.15 -16.56 -8.05
N THR A 72 6.51 -15.41 -8.35
CA THR A 72 5.64 -15.23 -9.52
C THR A 72 6.48 -15.36 -10.80
N ALA A 73 7.66 -14.68 -10.84
CA ALA A 73 8.60 -14.72 -11.97
C ALA A 73 8.96 -16.16 -12.30
N TYR A 74 9.32 -16.95 -11.27
CA TYR A 74 9.69 -18.36 -11.40
C TYR A 74 8.55 -19.22 -11.95
N THR A 75 7.29 -19.02 -11.48
CA THR A 75 6.11 -19.76 -11.93
C THR A 75 5.97 -19.64 -13.47
N ASP A 76 6.01 -18.40 -14.01
CA ASP A 76 5.88 -18.10 -15.45
C ASP A 76 7.06 -18.60 -16.25
N ALA A 77 8.28 -18.46 -15.69
CA ALA A 77 9.52 -18.88 -16.31
C ALA A 77 9.60 -20.40 -16.43
N LYS A 78 9.26 -21.13 -15.34
CA LYS A 78 9.26 -22.59 -15.30
C LYS A 78 8.20 -23.17 -16.24
N ILE A 79 6.97 -22.59 -16.27
CA ILE A 79 5.87 -23.05 -17.14
C ILE A 79 6.31 -22.96 -18.62
N ALA A 80 6.85 -21.80 -19.04
CA ALA A 80 7.35 -21.57 -20.40
C ALA A 80 8.50 -22.51 -20.75
N ALA A 81 9.37 -22.80 -19.76
CA ALA A 81 10.50 -23.72 -19.92
C ALA A 81 9.99 -25.15 -20.10
N ILE A 82 8.90 -25.52 -19.38
CA ILE A 82 8.29 -26.87 -19.43
C ILE A 82 7.60 -27.05 -20.80
N GLU A 83 6.98 -25.99 -21.37
CA GLU A 83 6.31 -26.02 -22.68
C GLU A 83 7.30 -26.37 -23.78
N GLU A 84 8.46 -25.67 -23.78
CA GLU A 84 9.54 -25.88 -24.75
C GLU A 84 10.19 -27.25 -24.56
N LEU A 85 10.28 -27.70 -23.29
CA LEU A 85 10.83 -28.99 -22.91
C LEU A 85 9.95 -30.14 -23.42
N ASN A 86 8.62 -30.04 -23.22
CA ASN A 86 7.63 -31.04 -23.65
C ASN A 86 7.58 -31.15 -25.17
N ALA A 87 8.00 -30.08 -25.87
CA ALA A 87 8.02 -29.98 -27.34
C ALA A 87 9.36 -30.47 -27.92
N GLY A 88 10.28 -30.86 -27.04
CA GLY A 88 11.59 -31.39 -27.41
C GLY A 88 12.56 -30.36 -27.95
N SER A 89 12.48 -29.12 -27.46
CA SER A 89 13.37 -28.02 -27.89
C SER A 89 14.78 -28.17 -27.32
N ALA A 90 15.73 -27.41 -27.88
CA ALA A 90 17.12 -27.36 -27.40
C ALA A 90 17.17 -26.59 -26.09
N GLU A 91 18.16 -26.91 -25.22
CA GLU A 91 18.33 -26.27 -23.91
C GLU A 91 18.35 -24.74 -24.02
N SER A 92 18.98 -24.21 -25.10
CA SER A 92 19.06 -22.79 -25.41
C SER A 92 17.65 -22.18 -25.53
N ALA A 93 16.79 -22.80 -26.36
CA ALA A 93 15.39 -22.41 -26.62
C ALA A 93 14.52 -22.49 -25.34
N VAL A 94 14.76 -23.50 -24.47
CA VAL A 94 14.05 -23.73 -23.21
C VAL A 94 14.37 -22.58 -22.25
N LEU A 95 15.67 -22.23 -22.13
CA LEU A 95 16.14 -21.15 -21.27
C LEU A 95 15.69 -19.78 -21.81
N ASP A 96 15.76 -19.55 -23.14
CA ASP A 96 15.34 -18.29 -23.77
C ASP A 96 13.86 -18.01 -23.51
N ALA A 97 13.01 -19.05 -23.58
CA ALA A 97 11.56 -18.96 -23.33
C ALA A 97 11.31 -18.63 -21.87
N ALA A 98 12.11 -19.21 -20.97
CA ALA A 98 12.02 -18.98 -19.53
C ALA A 98 12.43 -17.54 -19.19
N THR A 99 13.59 -17.07 -19.70
CA THR A 99 14.14 -15.73 -19.45
C THR A 99 13.23 -14.62 -19.99
N THR A 100 12.61 -14.84 -21.16
CA THR A 100 11.68 -13.90 -21.80
C THR A 100 10.49 -13.65 -20.88
N GLU A 101 10.00 -14.70 -20.19
CA GLU A 101 8.90 -14.60 -19.24
C GLU A 101 9.33 -13.84 -17.99
N VAL A 102 10.60 -14.02 -17.55
CA VAL A 102 11.18 -13.31 -16.40
C VAL A 102 11.25 -11.82 -16.74
N ASN A 103 11.83 -11.51 -17.92
CA ASN A 103 12.03 -10.16 -18.41
C ASN A 103 10.72 -9.45 -18.73
N SER A 104 9.74 -10.16 -19.31
CA SER A 104 8.43 -9.62 -19.66
C SER A 104 7.63 -9.22 -18.41
N TYR A 105 7.62 -10.11 -17.41
CA TYR A 105 6.91 -9.89 -16.15
C TYR A 105 7.61 -8.82 -15.31
N LEU A 106 8.95 -8.87 -15.20
CA LEU A 106 9.71 -7.89 -14.39
C LEU A 106 9.72 -6.51 -15.05
N THR A 107 9.49 -6.41 -16.39
CA THR A 107 9.38 -5.13 -17.08
C THR A 107 8.08 -4.45 -16.63
N THR A 108 6.99 -5.24 -16.51
CA THR A 108 5.67 -4.78 -16.06
C THR A 108 5.75 -4.31 -14.60
N VAL A 109 6.61 -4.95 -13.77
CA VAL A 109 6.79 -4.57 -12.37
C VAL A 109 7.61 -3.30 -12.31
N GLN A 110 8.77 -3.25 -13.01
CA GLN A 110 9.65 -2.08 -13.08
C GLN A 110 8.93 -0.84 -13.62
N SER A 111 8.13 -1.02 -14.70
CA SER A 111 7.37 0.05 -15.34
C SER A 111 6.36 0.65 -14.38
N ASN A 112 5.61 -0.20 -13.65
CA ASN A 112 4.61 0.26 -12.70
C ASN A 112 5.24 1.07 -11.58
N PHE A 113 6.39 0.59 -11.06
CA PHE A 113 7.16 1.22 -10.00
C PHE A 113 7.71 2.59 -10.45
N LEU A 114 8.21 2.68 -11.69
CA LEU A 114 8.80 3.91 -12.21
C LEU A 114 7.73 4.90 -12.68
N LYS A 115 6.55 4.42 -13.13
CA LYS A 115 5.44 5.28 -13.53
C LYS A 115 4.85 6.00 -12.31
N THR A 116 4.84 5.30 -11.14
CA THR A 116 4.37 5.82 -9.86
C THR A 116 5.27 6.98 -9.43
N TRP A 117 6.62 6.85 -9.64
CA TRP A 117 7.61 7.88 -9.35
C TRP A 117 7.48 9.03 -10.36
N ASN A 118 7.30 8.70 -11.65
CA ASN A 118 7.15 9.67 -12.75
C ASN A 118 5.94 10.56 -12.53
N GLU A 119 4.78 9.99 -12.12
CA GLU A 119 3.56 10.75 -11.83
C GLU A 119 3.75 11.69 -10.66
N SER A 120 4.60 11.31 -9.68
CA SER A 120 4.91 12.12 -8.52
C SER A 120 5.79 13.32 -8.92
N VAL A 121 6.83 13.10 -9.76
CA VAL A 121 7.75 14.14 -10.25
C VAL A 121 7.00 15.10 -11.19
N ALA A 122 6.14 14.56 -12.08
CA ALA A 122 5.30 15.34 -13.01
C ALA A 122 4.37 16.29 -12.25
N GLU A 123 3.73 15.77 -11.19
CA GLU A 123 2.83 16.50 -10.30
C GLU A 123 3.60 17.57 -9.53
N LEU A 124 4.84 17.23 -9.09
CA LEU A 124 5.72 18.16 -8.39
C LEU A 124 6.10 19.32 -9.32
N ASP A 125 6.38 19.01 -10.60
CA ASP A 125 6.74 20.00 -11.61
C ASP A 125 5.61 21.02 -11.80
N SER A 126 4.35 20.54 -11.85
CA SER A 126 3.18 21.40 -11.98
C SER A 126 2.88 22.14 -10.67
N ILE A 127 3.33 21.61 -9.51
CA ILE A 127 3.22 22.32 -8.21
C ILE A 127 4.17 23.51 -8.26
N LEU A 128 5.46 23.25 -8.59
CA LEU A 128 6.53 24.26 -8.69
C LEU A 128 6.19 25.32 -9.75
N SER A 129 5.38 24.98 -10.77
CA SER A 129 4.92 25.93 -11.79
C SER A 129 3.90 26.87 -11.17
N THR A 130 2.87 26.30 -10.52
CA THR A 130 1.79 27.01 -9.81
C THR A 130 2.35 27.89 -8.68
N VAL A 131 3.40 27.43 -7.98
CA VAL A 131 4.02 28.17 -6.88
C VAL A 131 4.77 29.39 -7.44
N VAL A 132 5.71 29.19 -8.40
CA VAL A 132 6.47 30.28 -9.04
C VAL A 132 5.51 31.32 -9.67
N ASN A 133 4.49 30.85 -10.43
CA ASN A 133 3.50 31.70 -11.09
C ASN A 133 2.64 32.50 -10.11
N HIS A 134 2.41 31.97 -8.88
CA HIS A 134 1.63 32.69 -7.86
C HIS A 134 2.36 33.98 -7.49
N PRO A 135 1.65 35.12 -7.54
CA PRO A 135 2.30 36.42 -7.29
C PRO A 135 2.75 36.67 -5.85
N ASP A 136 2.09 36.03 -4.87
CA ASP A 136 2.38 36.27 -3.46
C ASP A 136 3.23 35.19 -2.81
N ILE A 137 3.52 34.10 -3.52
CA ILE A 137 4.25 32.96 -2.95
C ILE A 137 5.41 32.49 -3.83
N GLY A 138 6.46 32.05 -3.15
CA GLY A 138 7.66 31.44 -3.72
C GLY A 138 7.83 30.04 -3.17
N LYS A 139 8.79 29.28 -3.70
CA LYS A 139 9.04 27.89 -3.29
C LYS A 139 9.32 27.74 -1.78
N GLY A 140 10.00 28.73 -1.19
CA GLY A 140 10.37 28.75 0.22
C GLY A 140 9.21 28.93 1.19
N ASP A 141 8.02 29.31 0.69
CA ASP A 141 6.82 29.50 1.51
C ASP A 141 6.03 28.19 1.67
N VAL A 142 6.29 27.19 0.80
CA VAL A 142 5.61 25.90 0.84
C VAL A 142 6.61 24.74 1.09
N PHE A 143 7.89 24.91 0.69
CA PHE A 143 8.95 23.92 0.86
C PHE A 143 10.00 24.37 1.87
N LEU A 144 10.61 23.40 2.60
CA LEU A 144 11.65 23.67 3.60
C LEU A 144 12.88 24.33 2.94
N MET A 145 13.29 23.81 1.77
CA MET A 145 14.39 24.30 0.92
C MET A 145 15.73 24.26 1.64
N LEU A 146 15.89 23.31 2.56
CA LEU A 146 17.12 23.13 3.32
C LEU A 146 17.85 21.86 2.91
N ASN A 147 19.16 21.83 3.16
CA ASN A 147 20.00 20.66 2.92
C ASN A 147 20.49 20.13 4.29
N GLY A 148 21.41 19.16 4.27
CA GLY A 148 21.99 18.56 5.46
C GLY A 148 22.68 19.52 6.41
N SER A 149 23.29 20.59 5.85
CA SER A 149 23.99 21.66 6.58
C SER A 149 23.03 22.71 7.17
N ASP A 150 21.70 22.52 6.97
CA ASP A 150 20.59 23.40 7.39
C ASP A 150 20.71 24.76 6.67
N ASN A 151 21.31 24.71 5.46
CA ASN A 151 21.52 25.85 4.57
C ASN A 151 20.46 25.85 3.49
N THR A 152 20.10 27.02 2.95
CA THR A 152 19.07 27.13 1.93
C THR A 152 19.66 26.69 0.57
N ILE A 153 18.97 25.74 -0.09
CA ILE A 153 19.35 25.23 -1.42
C ILE A 153 19.08 26.33 -2.45
N GLU A 154 19.84 26.33 -3.57
CA GLU A 154 19.69 27.38 -4.59
C GLU A 154 18.31 27.30 -5.27
N ASP A 155 17.83 26.07 -5.56
CA ASP A 155 16.52 25.80 -6.16
C ASP A 155 16.14 24.32 -6.03
N LEU A 156 14.83 24.06 -6.03
CA LEU A 156 14.23 22.74 -6.00
C LEU A 156 13.45 22.61 -7.30
N LEU A 157 13.89 21.69 -8.18
CA LEU A 157 13.29 21.50 -9.50
C LEU A 157 12.87 20.05 -9.74
N ALA A 158 11.91 19.86 -10.66
CA ALA A 158 11.40 18.55 -11.03
C ALA A 158 11.42 18.42 -12.54
N ASN A 159 12.13 17.40 -13.04
CA ASN A 159 12.28 17.13 -14.46
C ASN A 159 11.46 15.89 -14.82
N PRO A 160 10.22 16.03 -15.35
CA PRO A 160 9.40 14.86 -15.66
C PRO A 160 9.96 13.99 -16.78
N SER A 161 9.57 12.71 -16.83
CA SER A 161 10.00 11.76 -17.87
C SER A 161 9.84 12.41 -19.26
N GLY A 162 10.89 12.31 -20.05
CA GLY A 162 10.95 12.92 -21.37
C GLY A 162 11.88 14.13 -21.39
N SER A 163 11.96 14.88 -20.26
CA SER A 163 12.81 16.06 -20.09
C SER A 163 14.29 15.70 -20.23
N THR A 164 15.12 16.69 -20.63
CA THR A 164 16.56 16.51 -20.84
C THR A 164 17.30 16.11 -19.56
N ASP A 165 16.73 16.44 -18.38
CA ASP A 165 17.35 16.11 -17.10
C ASP A 165 16.71 14.87 -16.43
N ALA A 166 15.86 14.14 -17.18
CA ALA A 166 15.27 12.87 -16.74
C ALA A 166 16.20 11.73 -17.13
N THR A 167 16.39 10.74 -16.24
CA THR A 167 17.29 9.61 -16.48
C THR A 167 16.63 8.58 -17.41
N SER A 168 17.45 7.80 -18.13
CA SER A 168 16.95 6.75 -19.02
C SER A 168 17.29 5.40 -18.40
N PHE A 169 16.26 4.60 -18.11
CA PHE A 169 16.42 3.29 -17.49
C PHE A 169 16.11 2.18 -18.47
N THR A 170 17.00 1.17 -18.51
CA THR A 170 16.82 0.01 -19.39
C THR A 170 16.05 -1.06 -18.60
N LEU A 171 14.87 -1.43 -19.10
CA LEU A 171 14.01 -2.44 -18.49
C LEU A 171 14.55 -3.85 -18.77
N ALA A 172 14.04 -4.86 -18.05
CA ALA A 172 14.45 -6.27 -18.21
C ALA A 172 14.21 -6.73 -19.64
N ASP A 173 13.15 -6.21 -20.28
CA ASP A 173 12.74 -6.44 -21.66
C ASP A 173 13.82 -5.98 -22.63
N GLY A 174 14.65 -5.04 -22.19
CA GLY A 174 15.72 -4.46 -23.00
C GLY A 174 15.31 -3.11 -23.56
N THR A 175 14.02 -2.75 -23.40
CA THR A 175 13.46 -1.47 -23.85
C THR A 175 13.89 -0.36 -22.88
N THR A 176 13.84 0.90 -23.32
CA THR A 176 14.23 2.04 -22.48
C THR A 176 13.00 2.83 -22.03
N MET A 177 13.08 3.37 -20.80
CA MET A 177 12.03 4.16 -20.17
C MET A 177 12.64 5.40 -19.52
N SER A 178 12.04 6.58 -19.75
CA SER A 178 12.53 7.82 -19.14
C SER A 178 11.94 7.93 -17.72
N VAL A 179 12.79 8.19 -16.72
CA VAL A 179 12.35 8.32 -15.34
C VAL A 179 12.61 9.75 -14.86
N GLY A 180 11.57 10.34 -14.28
CA GLY A 180 11.58 11.70 -13.75
C GLY A 180 12.59 11.88 -12.63
N THR A 181 13.20 13.08 -12.54
CA THR A 181 14.19 13.34 -11.50
C THR A 181 13.83 14.54 -10.64
N VAL A 182 14.16 14.44 -9.34
CA VAL A 182 14.03 15.51 -8.36
C VAL A 182 15.41 16.19 -8.34
N GLU A 183 15.47 17.43 -8.80
CA GLU A 183 16.70 18.22 -8.95
C GLU A 183 16.91 19.20 -7.79
N VAL A 184 18.16 19.24 -7.28
CA VAL A 184 18.61 20.17 -6.25
C VAL A 184 19.67 21.04 -6.91
N ASP A 185 19.35 22.31 -7.22
CA ASP A 185 20.28 23.25 -7.86
C ASP A 185 21.35 23.68 -6.86
N ARG A 186 22.62 23.52 -7.24
CA ARG A 186 23.79 23.90 -6.44
C ARG A 186 24.69 24.84 -7.26
N GLY A 187 24.05 25.56 -8.19
CA GLY A 187 24.69 26.47 -9.13
C GLY A 187 24.96 25.75 -10.44
N THR A 188 26.25 25.64 -10.81
CA THR A 188 26.69 24.92 -12.03
C THR A 188 26.44 23.41 -11.85
N GLU A 189 26.74 22.91 -10.64
CA GLU A 189 26.53 21.52 -10.21
C GLU A 189 25.06 21.39 -9.78
N SER A 190 24.50 20.17 -9.86
CA SER A 190 23.12 19.88 -9.46
C SER A 190 22.96 18.43 -9.02
N TYR A 191 22.05 18.15 -8.09
CA TYR A 191 21.80 16.78 -7.63
C TYR A 191 20.51 16.28 -8.22
N TYR A 192 20.53 15.08 -8.82
CA TYR A 192 19.35 14.49 -9.43
C TYR A 192 18.97 13.22 -8.68
N TYR A 193 17.69 13.11 -8.28
CA TYR A 193 17.19 11.96 -7.54
C TYR A 193 16.17 11.19 -8.34
N ASP A 194 16.30 9.87 -8.33
CA ASP A 194 15.41 8.93 -8.99
C ASP A 194 15.45 7.60 -8.18
N PRO A 195 14.52 6.65 -8.34
CA PRO A 195 14.58 5.42 -7.53
C PRO A 195 15.84 4.55 -7.73
N MET A 196 16.54 4.75 -8.85
CA MET A 196 17.76 3.95 -9.17
C MET A 196 19.01 4.53 -8.51
N SER A 197 19.20 5.86 -8.58
CA SER A 197 20.40 6.49 -8.02
C SER A 197 20.26 6.77 -6.53
N GLY A 198 19.04 7.07 -6.07
CA GLY A 198 18.77 7.44 -4.68
C GLY A 198 19.35 8.80 -4.36
N LEU A 199 19.78 9.00 -3.12
CA LEU A 199 20.41 10.26 -2.71
C LEU A 199 21.90 10.22 -3.02
N VAL A 200 22.56 11.39 -3.09
CA VAL A 200 23.99 11.48 -3.37
C VAL A 200 24.79 10.92 -2.16
N GLY A 201 24.36 11.26 -0.94
CA GLY A 201 24.99 10.77 0.29
C GLY A 201 25.73 11.79 1.14
N ASP A 202 25.94 13.02 0.62
CA ASP A 202 26.65 14.10 1.32
C ASP A 202 25.64 15.08 1.98
N LEU A 203 26.13 16.22 2.53
CA LEU A 203 25.28 17.20 3.20
C LEU A 203 24.58 18.18 2.21
N GLY A 204 24.90 18.06 0.92
CA GLY A 204 24.30 18.87 -0.13
C GLY A 204 22.90 18.42 -0.51
N ASP A 205 22.53 17.20 -0.10
CA ASP A 205 21.21 16.62 -0.37
C ASP A 205 20.14 17.26 0.49
N LEU A 206 18.87 17.25 0.01
CA LEU A 206 17.70 17.78 0.74
C LEU A 206 17.73 17.21 2.15
N LYS A 207 17.62 18.09 3.17
CA LYS A 207 17.72 17.75 4.59
C LYS A 207 17.09 16.41 4.94
N ASN A 208 15.95 16.08 4.34
CA ASN A 208 15.22 14.85 4.64
C ASN A 208 15.07 13.96 3.42
N GLY A 209 15.98 14.09 2.45
CA GLY A 209 16.04 13.29 1.24
C GLY A 209 15.19 13.78 0.11
N GLY A 210 13.89 13.80 0.35
CA GLY A 210 12.88 14.27 -0.59
C GLY A 210 12.36 15.63 -0.16
N PRO A 211 11.60 16.33 -1.04
CA PRO A 211 11.08 17.66 -0.65
C PRO A 211 10.24 17.62 0.62
N THR A 212 10.36 18.64 1.45
CA THR A 212 9.61 18.77 2.68
C THR A 212 8.53 19.83 2.44
N VAL A 213 7.27 19.40 2.38
CA VAL A 213 6.14 20.30 2.17
C VAL A 213 5.61 20.72 3.53
N GLN A 214 5.51 22.03 3.77
CA GLN A 214 5.03 22.57 5.02
C GLN A 214 3.81 23.46 4.83
N TYR A 215 2.89 23.42 5.81
CA TYR A 215 1.67 24.24 5.89
C TYR A 215 1.12 24.24 7.32
N ASP A 216 0.89 25.44 7.86
CA ASP A 216 0.28 25.74 9.17
C ASP A 216 0.94 24.98 10.35
N GLY A 217 2.27 24.92 10.33
CA GLY A 217 3.04 24.25 11.38
C GLY A 217 3.26 22.77 11.18
N ASP A 218 2.47 22.15 10.28
CA ASP A 218 2.57 20.73 9.93
C ASP A 218 3.34 20.60 8.63
N SER A 219 4.19 19.59 8.55
CA SER A 219 5.07 19.36 7.43
C SER A 219 5.17 17.88 7.10
N LEU A 220 5.63 17.54 5.88
CA LEU A 220 5.80 16.15 5.50
C LEU A 220 6.87 15.98 4.43
N VAL A 221 7.54 14.82 4.46
CA VAL A 221 8.54 14.43 3.48
C VAL A 221 7.90 13.38 2.57
N TYR A 222 8.13 13.54 1.27
CA TYR A 222 7.64 12.64 0.23
C TYR A 222 8.62 12.73 -0.92
N LEU A 223 8.54 11.81 -1.91
CA LEU A 223 9.46 11.75 -3.04
C LEU A 223 10.92 11.61 -2.55
N ASN A 224 11.10 10.85 -1.43
CA ASN A 224 12.39 10.59 -0.82
C ASN A 224 13.01 9.39 -1.50
N ALA A 225 14.01 9.63 -2.37
CA ALA A 225 14.71 8.60 -3.15
C ALA A 225 15.37 7.51 -2.26
N SER A 226 15.68 7.85 -0.99
CA SER A 226 16.21 6.95 0.04
C SER A 226 15.22 5.85 0.41
N ASN A 227 13.91 6.07 0.16
CA ASN A 227 12.85 5.11 0.43
C ASN A 227 12.52 4.25 -0.79
N TRP A 228 12.88 4.75 -1.99
CA TRP A 228 12.65 4.08 -3.27
C TRP A 228 13.85 3.24 -3.69
N LYS A 229 15.09 3.67 -3.36
CA LYS A 229 16.34 2.97 -3.67
C LYS A 229 16.36 1.54 -3.07
N PRO A 230 15.99 1.26 -1.79
CA PRO A 230 16.01 -0.13 -1.31
C PRO A 230 15.03 -1.02 -2.08
N ILE A 231 13.84 -0.50 -2.48
CA ILE A 231 12.84 -1.26 -3.23
C ILE A 231 13.38 -1.58 -4.63
N TYR A 232 14.00 -0.59 -5.32
CA TYR A 232 14.60 -0.78 -6.65
C TYR A 232 15.72 -1.85 -6.59
N ASP A 233 16.65 -1.71 -5.63
CA ASP A 233 17.80 -2.62 -5.43
C ASP A 233 17.36 -4.05 -5.20
N GLU A 234 16.33 -4.27 -4.34
CA GLU A 234 15.76 -5.58 -4.05
C GLU A 234 15.07 -6.14 -5.30
N MET A 235 14.37 -5.27 -6.07
CA MET A 235 13.72 -5.63 -7.33
C MET A 235 14.76 -6.05 -8.37
N ASP A 236 15.91 -5.33 -8.38
CA ASP A 236 17.04 -5.58 -9.28
C ASP A 236 17.75 -6.88 -8.87
N THR A 237 17.80 -7.16 -7.55
CA THR A 237 18.39 -8.39 -7.00
C THR A 237 17.53 -9.58 -7.45
N VAL A 238 16.19 -9.43 -7.38
CA VAL A 238 15.20 -10.45 -7.77
C VAL A 238 15.39 -10.79 -9.27
N LEU A 239 15.50 -9.76 -10.15
CA LEU A 239 15.68 -9.94 -11.59
C LEU A 239 16.96 -10.70 -11.91
N GLN A 240 18.06 -10.40 -11.22
CA GLN A 240 19.35 -11.04 -11.41
C GLN A 240 19.35 -12.48 -10.87
N ASN A 241 18.72 -12.71 -9.69
CA ASN A 241 18.63 -14.01 -9.04
C ASN A 241 17.72 -14.97 -9.79
N VAL A 242 16.59 -14.49 -10.35
CA VAL A 242 15.66 -15.36 -11.10
C VAL A 242 16.31 -15.73 -12.45
N ARG A 243 17.04 -14.81 -13.11
CA ARG A 243 17.75 -15.07 -14.38
C ARG A 243 18.82 -16.15 -14.20
N SER A 244 19.69 -16.00 -13.17
CA SER A 244 20.77 -16.93 -12.85
C SER A 244 20.21 -18.26 -12.34
N GLY A 245 19.14 -18.18 -11.56
CA GLY A 245 18.45 -19.32 -10.98
C GLY A 245 17.70 -20.17 -11.99
N ILE A 246 17.04 -19.53 -12.97
CA ILE A 246 16.32 -20.26 -14.02
C ILE A 246 17.33 -20.92 -14.97
N SER A 247 18.51 -20.29 -15.18
CA SER A 247 19.61 -20.84 -16.00
C SER A 247 20.16 -22.11 -15.35
N THR A 248 20.13 -22.15 -14.00
CA THR A 248 20.55 -23.30 -13.18
C THR A 248 19.42 -24.34 -13.22
N TRP A 249 18.15 -23.89 -13.05
CA TRP A 249 16.95 -24.74 -13.05
C TRP A 249 16.83 -25.51 -14.37
N VAL A 250 17.02 -24.83 -15.51
CA VAL A 250 16.97 -25.42 -16.86
C VAL A 250 18.06 -26.49 -16.99
N SER A 251 19.30 -26.20 -16.56
CA SER A 251 20.44 -27.13 -16.60
C SER A 251 20.21 -28.39 -15.76
N ASN A 252 19.50 -28.26 -14.62
CA ASN A 252 19.24 -29.39 -13.72
C ASN A 252 18.05 -30.26 -14.20
N VAL A 253 17.11 -29.65 -14.94
CA VAL A 253 15.87 -30.28 -15.42
C VAL A 253 16.03 -30.90 -16.83
N TYR A 254 16.76 -30.22 -17.74
CA TYR A 254 16.97 -30.67 -19.12
C TYR A 254 17.63 -32.04 -19.19
N GLY A 255 16.91 -32.98 -19.78
CA GLY A 255 17.34 -34.37 -19.92
C GLY A 255 16.74 -35.24 -18.83
N ASP A 256 16.79 -34.77 -17.57
CA ASP A 256 16.28 -35.46 -16.38
C ASP A 256 14.75 -35.53 -16.45
N VAL A 257 14.09 -34.38 -16.65
CA VAL A 257 12.63 -34.33 -16.78
C VAL A 257 12.30 -34.60 -18.25
N GLN A 258 11.53 -35.67 -18.49
CA GLN A 258 11.12 -36.12 -19.81
C GLN A 258 9.88 -35.38 -20.30
N SER A 259 9.68 -35.32 -21.63
CA SER A 259 8.50 -34.70 -22.24
C SER A 259 7.25 -35.48 -21.81
N GLY A 260 6.31 -34.78 -21.20
CA GLY A 260 5.07 -35.37 -20.70
C GLY A 260 5.08 -35.64 -19.21
N GLU A 261 6.28 -35.55 -18.56
CA GLU A 261 6.44 -35.77 -17.12
C GLU A 261 5.63 -34.72 -16.34
N ILE A 262 5.75 -33.43 -16.75
CA ILE A 262 5.01 -32.32 -16.17
C ILE A 262 4.12 -31.69 -17.24
N GLU A 263 2.82 -31.53 -16.94
CA GLU A 263 1.83 -30.91 -17.83
C GLU A 263 1.21 -29.71 -17.10
N VAL A 264 1.65 -28.51 -17.47
CA VAL A 264 1.22 -27.25 -16.83
C VAL A 264 0.64 -26.25 -17.84
N SER A 265 0.22 -26.74 -19.02
CA SER A 265 -0.38 -25.92 -20.07
C SER A 265 -1.81 -25.51 -19.68
N ASP A 266 -2.53 -26.44 -19.02
CA ASP A 266 -3.92 -26.30 -18.56
C ASP A 266 -4.02 -25.52 -17.24
N LEU A 267 -2.88 -25.33 -16.54
CA LEU A 267 -2.79 -24.67 -15.23
C LEU A 267 -2.96 -23.14 -15.37
N VAL A 268 -3.83 -22.58 -14.50
CA VAL A 268 -4.11 -21.14 -14.40
C VAL A 268 -3.30 -20.65 -13.20
N THR A 269 -2.26 -19.83 -13.47
CA THR A 269 -1.31 -19.31 -12.48
C THR A 269 -2.00 -18.43 -11.42
N PRO A 270 -1.45 -18.37 -10.17
CA PRO A 270 -2.04 -17.48 -9.15
C PRO A 270 -2.14 -16.03 -9.64
N ARG A 271 -1.12 -15.59 -10.42
CA ARG A 271 -1.02 -14.28 -11.07
C ARG A 271 -2.19 -14.10 -12.06
N GLU A 272 -2.43 -15.09 -12.96
CA GLU A 272 -3.51 -15.06 -13.95
C GLU A 272 -4.88 -14.98 -13.27
N ARG A 273 -5.13 -15.81 -12.22
CA ARG A 273 -6.37 -15.83 -11.45
C ARG A 273 -6.66 -14.44 -10.83
N ALA A 274 -5.63 -13.79 -10.24
CA ALA A 274 -5.74 -12.44 -9.65
C ALA A 274 -6.00 -11.36 -10.71
N ALA A 275 -5.45 -11.54 -11.93
CA ALA A 275 -5.62 -10.64 -13.07
C ALA A 275 -7.05 -10.70 -13.59
N MET A 276 -7.62 -11.93 -13.57
CA MET A 276 -8.99 -12.24 -14.00
C MET A 276 -10.00 -11.64 -13.03
N MET A 277 -9.72 -11.74 -11.72
CA MET A 277 -10.54 -11.19 -10.63
C MET A 277 -10.52 -9.66 -10.67
N ALA A 278 -9.41 -9.06 -11.15
CA ALA A 278 -9.22 -7.62 -11.29
C ALA A 278 -10.08 -7.06 -12.43
N GLN A 279 -10.47 -7.93 -13.39
CA GLN A 279 -11.31 -7.57 -14.54
C GLN A 279 -12.79 -7.62 -14.18
N GLU A 280 -13.15 -8.32 -13.08
CA GLU A 280 -14.55 -8.47 -12.64
C GLU A 280 -14.79 -7.99 -11.19
N GLU A 281 -16.07 -8.06 -10.75
CA GLU A 281 -16.50 -7.70 -9.40
C GLU A 281 -16.63 -8.97 -8.56
N GLY A 282 -16.18 -8.89 -7.32
CA GLY A 282 -16.20 -10.01 -6.38
C GLY A 282 -15.54 -9.68 -5.07
N MET A 283 -14.52 -10.47 -4.70
CA MET A 283 -13.77 -10.24 -3.46
C MET A 283 -12.80 -9.07 -3.63
N SER A 284 -12.42 -8.44 -2.49
CA SER A 284 -11.46 -7.34 -2.42
C SER A 284 -10.15 -7.78 -3.07
N GLN A 285 -9.65 -6.96 -4.02
CA GLN A 285 -8.50 -7.24 -4.88
C GLN A 285 -7.15 -7.35 -4.18
N ALA A 286 -6.86 -6.51 -3.17
CA ALA A 286 -5.55 -6.54 -2.49
C ALA A 286 -5.25 -7.91 -1.85
N ILE A 287 -6.25 -8.59 -1.23
CA ILE A 287 -6.01 -9.91 -0.65
C ILE A 287 -5.86 -10.95 -1.79
N ALA A 288 -6.64 -10.83 -2.89
CA ALA A 288 -6.53 -11.69 -4.07
C ALA A 288 -5.10 -11.61 -4.64
N ASP A 289 -4.55 -10.39 -4.71
CA ASP A 289 -3.20 -10.08 -5.18
C ASP A 289 -2.14 -10.56 -4.18
N LEU A 290 -2.40 -10.42 -2.85
CA LEU A 290 -1.49 -10.89 -1.80
C LEU A 290 -1.38 -12.43 -1.78
N ILE A 291 -2.48 -13.15 -2.10
CA ILE A 291 -2.49 -14.62 -2.21
C ILE A 291 -1.67 -15.01 -3.43
N ALA A 292 -1.87 -14.29 -4.56
CA ALA A 292 -1.14 -14.49 -5.82
C ALA A 292 0.36 -14.24 -5.67
N LEU A 293 0.75 -13.32 -4.74
CA LEU A 293 2.14 -13.00 -4.44
C LEU A 293 2.70 -13.94 -3.37
N ASN A 294 1.93 -15.00 -3.02
CA ASN A 294 2.27 -16.06 -2.08
C ASN A 294 2.75 -15.52 -0.72
N VAL A 295 2.00 -14.57 -0.16
CA VAL A 295 2.31 -13.99 1.14
C VAL A 295 1.61 -14.87 2.19
N PRO A 296 2.33 -15.45 3.20
CA PRO A 296 1.64 -16.31 4.19
C PRO A 296 0.38 -15.66 4.75
N VAL A 297 -0.74 -16.41 4.73
CA VAL A 297 -2.06 -15.90 5.14
C VAL A 297 -2.76 -16.88 6.08
N ASP A 298 -3.60 -16.35 6.98
CA ASP A 298 -4.48 -17.11 7.85
C ASP A 298 -5.91 -16.76 7.48
N ALA A 299 -6.43 -17.46 6.46
CA ALA A 299 -7.77 -17.31 5.93
C ALA A 299 -8.83 -17.94 6.84
N GLU A 300 -8.44 -18.97 7.61
CA GLU A 300 -9.34 -19.75 8.46
C GLU A 300 -9.56 -19.22 9.88
N ARG A 301 -8.83 -18.17 10.33
CA ARG A 301 -9.04 -17.66 11.67
C ARG A 301 -9.33 -16.16 11.68
N GLU A 302 -10.61 -15.82 11.96
CA GLU A 302 -11.08 -14.45 12.05
C GLU A 302 -10.70 -13.90 13.41
N ALA A 303 -10.02 -12.75 13.41
CA ALA A 303 -9.56 -12.11 14.63
C ALA A 303 -10.13 -10.73 14.78
N THR A 304 -10.62 -10.42 15.99
CA THR A 304 -11.12 -9.09 16.32
C THR A 304 -9.96 -8.37 17.01
N ILE A 305 -9.52 -7.24 16.45
CA ILE A 305 -8.36 -6.49 16.97
C ILE A 305 -8.80 -5.13 17.52
N THR A 306 -8.01 -4.60 18.46
CA THR A 306 -8.21 -3.27 19.03
C THR A 306 -6.93 -2.50 18.78
N ILE A 307 -7.02 -1.41 18.00
CA ILE A 307 -5.89 -0.52 17.72
C ILE A 307 -5.71 0.29 18.99
N GLN A 308 -4.65 -0.02 19.75
CA GLN A 308 -4.32 0.54 21.06
C GLN A 308 -4.43 2.08 21.17
N ASP A 309 -3.85 2.81 20.20
CA ASP A 309 -3.80 4.28 20.19
C ASP A 309 -5.16 4.98 20.00
N THR A 310 -6.17 4.31 19.39
CA THR A 310 -7.48 4.92 19.12
C THR A 310 -8.66 4.20 19.79
N GLY A 311 -8.51 2.90 20.02
CA GLY A 311 -9.54 2.04 20.60
C GLY A 311 -10.51 1.49 19.58
N ALA A 312 -10.14 1.56 18.28
CA ALA A 312 -10.95 1.08 17.16
C ALA A 312 -10.91 -0.45 17.05
N THR A 313 -12.10 -1.08 17.12
CA THR A 313 -12.28 -2.54 17.04
C THR A 313 -12.65 -2.92 15.60
N LEU A 314 -11.98 -3.96 15.06
CA LEU A 314 -12.18 -4.40 13.67
C LEU A 314 -11.99 -5.92 13.51
N PRO A 315 -13.02 -6.65 12.99
CA PRO A 315 -12.87 -8.09 12.78
C PRO A 315 -12.31 -8.43 11.39
N GLY A 316 -11.31 -9.30 11.34
CA GLY A 316 -10.71 -9.69 10.07
C GLY A 316 -9.63 -10.74 10.12
N THR A 317 -9.10 -11.09 8.95
CA THR A 317 -8.06 -12.10 8.77
C THR A 317 -6.69 -11.46 8.56
N PHE A 318 -5.63 -12.16 9.02
CA PHE A 318 -4.25 -11.74 8.95
C PHE A 318 -3.47 -12.35 7.78
N ALA A 319 -2.50 -11.57 7.32
CA ALA A 319 -1.52 -11.90 6.31
C ALA A 319 -0.18 -11.40 6.80
N LEU A 320 0.84 -12.26 6.76
CA LEU A 320 2.17 -11.88 7.22
C LEU A 320 3.16 -12.10 6.10
N THR A 321 4.01 -11.09 5.82
CA THR A 321 5.06 -11.22 4.79
C THR A 321 6.12 -12.21 5.32
N ASP A 322 6.37 -12.15 6.64
CA ASP A 322 7.29 -13.00 7.36
C ASP A 322 6.55 -13.68 8.52
N ALA A 323 6.15 -14.95 8.33
CA ALA A 323 5.41 -15.73 9.33
C ALA A 323 6.23 -15.96 10.62
N SER A 324 7.52 -15.51 10.62
CA SER A 324 8.46 -15.56 11.75
C SER A 324 8.00 -14.63 12.86
N ASP A 325 7.26 -13.57 12.49
CA ASP A 325 6.62 -12.62 13.40
C ASP A 325 5.51 -13.37 14.13
N GLY A 326 4.87 -14.27 13.40
CA GLY A 326 3.82 -15.13 13.92
C GLY A 326 4.37 -16.33 14.67
N PRO A 327 3.49 -17.18 15.24
CA PRO A 327 2.02 -17.08 15.18
C PRO A 327 1.46 -16.09 16.18
N LEU A 328 0.60 -15.20 15.69
CA LEU A 328 -0.12 -14.21 16.49
C LEU A 328 -1.06 -14.95 17.43
N GLU A 329 -1.17 -14.50 18.68
CA GLU A 329 -1.95 -15.18 19.71
C GLU A 329 -3.08 -14.29 20.29
N SER A 330 -4.17 -14.94 20.73
CA SER A 330 -5.34 -14.30 21.32
C SER A 330 -4.99 -13.70 22.69
N GLY A 331 -5.45 -12.47 22.93
CA GLY A 331 -5.22 -11.72 24.16
C GLY A 331 -3.92 -10.94 24.22
N LYS A 332 -3.06 -11.11 23.20
CA LYS A 332 -1.74 -10.50 23.14
C LYS A 332 -1.71 -9.20 22.35
N THR A 333 -0.82 -8.30 22.75
CA THR A 333 -0.60 -7.00 22.10
C THR A 333 0.63 -7.10 21.20
N TYR A 334 0.50 -6.63 19.95
CA TYR A 334 1.58 -6.72 18.98
C TYR A 334 1.95 -5.36 18.45
N ASP A 335 3.26 -5.13 18.32
CA ASP A 335 3.83 -3.92 17.80
C ASP A 335 4.38 -4.25 16.42
N PRO A 336 3.72 -3.81 15.34
CA PRO A 336 4.18 -4.17 14.00
C PRO A 336 5.55 -3.58 13.65
N SER A 337 5.96 -2.51 14.34
CA SER A 337 7.23 -1.84 14.13
C SER A 337 8.43 -2.70 14.58
N THR A 338 8.19 -3.72 15.44
CA THR A 338 9.22 -4.64 15.93
C THR A 338 9.27 -5.89 15.06
N PHE A 339 8.30 -6.03 14.14
CA PHE A 339 8.19 -7.17 13.24
C PHE A 339 9.19 -7.08 12.10
N SER A 340 9.83 -8.21 11.75
CA SER A 340 10.81 -8.31 10.67
C SER A 340 10.17 -7.98 9.30
N GLY A 341 8.93 -8.43 9.12
CA GLY A 341 8.17 -8.20 7.90
C GLY A 341 7.02 -7.21 8.10
N ASP A 342 6.05 -7.23 7.19
CA ASP A 342 4.88 -6.37 7.20
C ASP A 342 3.61 -7.16 7.54
N VAL A 343 2.71 -6.53 8.30
CA VAL A 343 1.43 -7.10 8.74
C VAL A 343 0.30 -6.55 7.89
N TYR A 344 -0.50 -7.45 7.29
CA TYR A 344 -1.68 -7.08 6.51
C TYR A 344 -2.94 -7.58 7.24
N PHE A 345 -4.07 -6.87 7.03
CA PHE A 345 -5.33 -7.20 7.68
C PHE A 345 -6.49 -6.95 6.73
N THR A 346 -7.14 -8.06 6.30
CA THR A 346 -8.29 -8.02 5.40
C THR A 346 -9.53 -8.02 6.27
N ALA A 347 -10.30 -6.92 6.22
CA ALA A 347 -11.49 -6.76 7.05
C ALA A 347 -12.58 -5.97 6.35
N ASP A 348 -13.82 -6.16 6.82
CA ASP A 348 -14.97 -5.41 6.33
C ASP A 348 -15.01 -4.11 7.12
N MET A 349 -14.59 -2.99 6.47
CA MET A 349 -14.53 -1.66 7.06
C MET A 349 -15.90 -1.18 7.55
N SER A 350 -16.98 -1.78 7.04
CA SER A 350 -18.36 -1.48 7.45
C SER A 350 -18.62 -1.97 8.90
N LEU A 351 -17.71 -2.80 9.45
CA LEU A 351 -17.84 -3.35 10.80
C LEU A 351 -16.92 -2.65 11.83
N VAL A 352 -16.26 -1.53 11.45
CA VAL A 352 -15.41 -0.77 12.36
C VAL A 352 -16.27 -0.13 13.48
N GLU A 353 -15.85 -0.36 14.74
CA GLU A 353 -16.51 0.16 15.94
C GLU A 353 -15.46 0.79 16.85
N GLY A 354 -15.91 1.44 17.92
CA GLY A 354 -14.98 2.05 18.87
C GLY A 354 -15.59 3.16 19.71
N ASP A 355 -15.23 3.19 21.00
CA ASP A 355 -15.70 4.20 21.91
C ASP A 355 -15.06 5.55 21.56
N TRP A 356 -15.90 6.60 21.51
CA TRP A 356 -15.47 7.96 21.23
C TRP A 356 -15.42 8.74 22.54
N THR A 357 -14.25 9.32 22.84
CA THR A 357 -14.00 10.07 24.08
C THR A 357 -13.61 11.52 23.75
N ALA A 358 -13.34 11.81 22.47
CA ALA A 358 -12.95 13.14 22.02
C ALA A 358 -14.17 14.04 21.82
N TYR A 359 -14.89 14.34 22.90
CA TYR A 359 -16.08 15.18 22.88
C TYR A 359 -16.19 16.06 24.12
N GLN A 360 -16.89 17.19 24.00
CA GLN A 360 -17.16 18.11 25.10
C GLN A 360 -18.46 17.68 25.76
N SER A 361 -18.47 17.57 27.10
CA SER A 361 -19.62 17.11 27.87
C SER A 361 -20.86 18.02 27.69
N GLY A 362 -20.66 19.33 27.74
CA GLY A 362 -21.73 20.31 27.59
C GLY A 362 -22.31 20.48 26.19
N VAL A 363 -23.65 20.34 26.08
CA VAL A 363 -24.40 20.52 24.83
C VAL A 363 -25.03 21.93 24.88
N ASP A 364 -24.38 22.91 24.20
CA ASP A 364 -24.84 24.29 24.17
C ASP A 364 -25.96 24.49 23.13
N GLY A 365 -27.21 24.39 23.58
CA GLY A 365 -28.42 24.55 22.78
C GLY A 365 -28.50 23.69 21.53
N GLY A 366 -28.17 22.42 21.69
CA GLY A 366 -28.17 21.45 20.59
C GLY A 366 -26.82 21.27 19.91
N ASN A 367 -25.93 22.29 20.02
CA ASN A 367 -24.59 22.26 19.43
C ASN A 367 -23.64 21.33 20.23
N VAL A 368 -23.45 20.10 19.72
CA VAL A 368 -22.53 19.12 20.30
C VAL A 368 -21.14 19.42 19.72
N THR A 369 -20.09 19.37 20.54
CA THR A 369 -18.72 19.67 20.12
C THR A 369 -17.79 18.46 20.33
N LEU A 370 -16.98 18.16 19.30
CA LEU A 370 -15.96 17.10 19.27
C LEU A 370 -14.57 17.73 19.31
N THR A 371 -13.66 17.15 20.10
CA THR A 371 -12.31 17.69 20.26
C THR A 371 -11.30 17.01 19.30
N SER A 372 -11.76 16.01 18.50
CA SER A 372 -10.95 15.35 17.47
C SER A 372 -11.78 15.11 16.21
N GLU A 373 -11.11 15.16 15.05
CA GLU A 373 -11.69 14.98 13.72
C GLU A 373 -12.37 13.61 13.58
N PRO A 374 -13.67 13.56 13.20
CA PRO A 374 -14.31 12.25 13.01
C PRO A 374 -13.73 11.52 11.79
N TYR A 375 -13.78 10.19 11.80
CA TYR A 375 -13.19 9.37 10.73
C TYR A 375 -14.08 9.30 9.50
N SER A 376 -13.46 9.15 8.31
CA SER A 376 -14.16 9.05 7.03
C SER A 376 -14.96 7.76 6.95
N GLY A 377 -16.15 7.86 6.39
CA GLY A 377 -17.08 6.75 6.23
C GLY A 377 -17.68 6.25 7.53
N THR A 378 -17.51 7.03 8.62
CA THR A 378 -18.06 6.70 9.95
C THR A 378 -19.01 7.82 10.43
N ALA A 379 -19.68 7.57 11.56
CA ALA A 379 -20.61 8.49 12.22
C ALA A 379 -20.43 8.41 13.72
N VAL A 380 -20.44 9.57 14.41
CA VAL A 380 -20.30 9.60 15.86
C VAL A 380 -21.72 9.53 16.46
N GLU A 381 -21.99 8.45 17.20
CA GLU A 381 -23.26 8.15 17.86
C GLU A 381 -23.17 8.58 19.33
N LEU A 382 -23.79 9.70 19.65
CA LEU A 382 -23.74 10.26 20.99
C LEU A 382 -24.97 9.92 21.81
N ASN A 383 -24.74 9.57 23.08
CA ASN A 383 -25.77 9.21 24.06
C ASN A 383 -25.83 10.32 25.11
N THR A 384 -26.92 11.08 25.06
CA THR A 384 -27.20 12.22 25.94
C THR A 384 -27.59 11.73 27.35
N ALA A 385 -27.50 12.63 28.37
CA ALA A 385 -27.86 12.38 29.77
C ALA A 385 -29.32 11.96 29.94
N ALA A 386 -30.21 12.45 29.06
CA ALA A 386 -31.65 12.13 29.05
C ALA A 386 -31.94 10.86 28.20
N ASN A 387 -30.92 10.00 28.03
CA ASN A 387 -30.89 8.73 27.30
C ASN A 387 -31.37 8.87 25.83
N GLU A 388 -30.95 9.96 25.17
CA GLU A 388 -31.26 10.20 23.76
C GLU A 388 -30.02 9.87 22.93
N THR A 389 -30.18 8.98 21.94
CA THR A 389 -29.10 8.53 21.08
C THR A 389 -29.25 9.13 19.68
N VAL A 390 -28.19 9.82 19.20
CA VAL A 390 -28.17 10.46 17.88
C VAL A 390 -26.81 10.22 17.20
N ALA A 391 -26.85 9.77 15.92
CA ALA A 391 -25.68 9.51 15.09
C ALA A 391 -25.52 10.62 14.04
N VAL A 392 -24.32 11.19 13.92
CA VAL A 392 -24.01 12.27 12.98
C VAL A 392 -22.83 11.83 12.10
N ASP A 393 -23.00 11.86 10.76
CA ASP A 393 -21.97 11.48 9.80
C ASP A 393 -20.82 12.48 9.80
N ALA A 394 -19.60 11.99 9.51
CA ALA A 394 -18.33 12.73 9.49
C ALA A 394 -18.37 14.03 8.69
N GLY A 395 -19.04 14.00 7.53
CA GLY A 395 -19.20 15.15 6.65
C GLY A 395 -20.16 16.19 7.17
N ASN A 396 -21.02 15.81 8.12
CA ASN A 396 -22.02 16.73 8.69
C ASN A 396 -21.49 17.42 9.96
N TRP A 397 -20.23 17.14 10.34
CA TRP A 397 -19.55 17.81 11.45
C TRP A 397 -18.83 19.03 10.87
N THR A 398 -19.06 20.22 11.46
CA THR A 398 -18.46 21.46 10.96
C THR A 398 -17.24 21.81 11.80
N ALA A 399 -16.15 22.11 11.11
CA ALA A 399 -14.87 22.47 11.71
C ALA A 399 -14.74 23.96 11.94
N THR A 400 -13.97 24.30 12.98
CA THR A 400 -13.56 25.66 13.34
C THR A 400 -12.03 25.64 13.32
N GLY A 401 -11.41 26.79 13.17
CA GLY A 401 -9.95 26.90 13.12
C GLY A 401 -9.20 26.51 14.38
N ASN A 402 -9.93 26.41 15.52
CA ASN A 402 -9.38 26.10 16.84
C ASN A 402 -9.38 24.57 17.20
N GLY A 403 -9.58 23.72 16.19
CA GLY A 403 -9.55 22.26 16.35
C GLY A 403 -10.71 21.63 17.08
N THR A 404 -11.95 22.07 16.76
CA THR A 404 -13.19 21.54 17.33
C THR A 404 -14.19 21.27 16.21
N TRP A 405 -15.09 20.29 16.42
CA TRP A 405 -16.08 19.94 15.41
C TRP A 405 -17.48 20.00 16.01
N TYR A 406 -18.31 20.92 15.50
CA TYR A 406 -19.66 21.13 16.00
C TYR A 406 -20.75 20.73 15.00
N HIS A 407 -21.93 20.39 15.51
CA HIS A 407 -23.11 20.03 14.73
C HIS A 407 -24.36 20.31 15.55
N ASP A 408 -25.32 21.05 14.96
CA ASP A 408 -26.58 21.38 15.62
C ASP A 408 -27.48 20.14 15.63
N VAL A 409 -27.59 19.49 16.78
CA VAL A 409 -28.38 18.27 16.98
C VAL A 409 -29.76 18.61 17.57
N SER A 410 -30.11 19.92 17.66
CA SER A 410 -31.39 20.37 18.22
C SER A 410 -32.62 19.82 17.44
N PRO A 411 -32.62 19.71 16.08
CA PRO A 411 -33.83 19.17 15.41
C PRO A 411 -34.13 17.72 15.79
N GLU A 412 -33.09 16.89 15.98
CA GLU A 412 -33.22 15.48 16.32
C GLU A 412 -33.41 15.25 17.84
N LEU A 413 -33.16 16.29 18.66
CA LEU A 413 -33.29 16.20 20.11
C LEU A 413 -34.55 16.88 20.65
N GLU A 414 -34.98 16.44 21.85
CA GLU A 414 -36.13 16.95 22.60
C GLU A 414 -35.62 17.81 23.76
N THR A 415 -34.42 17.47 24.27
CA THR A 415 -33.71 18.17 25.33
C THR A 415 -32.38 18.62 24.72
N ASP A 416 -32.39 19.81 24.08
CA ASP A 416 -31.24 20.41 23.41
C ASP A 416 -30.12 20.73 24.40
N ILE A 417 -30.46 21.25 25.59
CA ILE A 417 -29.48 21.55 26.63
C ILE A 417 -29.34 20.28 27.46
N THR A 418 -28.16 19.63 27.38
CA THR A 418 -27.86 18.38 28.08
C THR A 418 -26.33 18.14 28.16
N SER A 419 -25.92 17.01 28.76
CA SER A 419 -24.52 16.60 28.89
C SER A 419 -24.32 15.21 28.27
N ILE A 420 -23.32 15.07 27.38
CA ILE A 420 -23.00 13.80 26.71
C ILE A 420 -22.31 12.89 27.74
N GLU A 421 -22.93 11.73 28.01
CA GLU A 421 -22.43 10.75 28.98
C GLU A 421 -21.60 9.67 28.28
N SER A 422 -22.05 9.24 27.09
CA SER A 422 -21.39 8.22 26.28
C SER A 422 -21.36 8.60 24.80
N ALA A 423 -20.34 8.11 24.07
CA ALA A 423 -20.16 8.33 22.63
C ALA A 423 -19.36 7.20 22.00
N ARG A 424 -19.70 6.83 20.76
CA ARG A 424 -19.01 5.78 20.00
C ARG A 424 -19.10 6.05 18.50
N PHE A 425 -18.16 5.51 17.72
CA PHE A 425 -18.19 5.67 16.26
C PHE A 425 -18.47 4.33 15.59
N LEU A 426 -19.19 4.37 14.47
CA LEU A 426 -19.55 3.22 13.64
C LEU A 426 -19.63 3.65 12.18
N SER A 427 -19.51 2.70 11.24
CA SER A 427 -19.55 2.96 9.81
C SER A 427 -20.91 3.50 9.33
N THR A 428 -20.87 4.33 8.27
CA THR A 428 -22.00 4.95 7.58
C THR A 428 -22.51 4.00 6.48
N ALA A 429 -21.60 3.17 5.92
CA ALA A 429 -21.82 2.22 4.83
C ALA A 429 -22.89 1.18 5.14
N GLU A 430 -23.78 0.95 4.15
CA GLU A 430 -24.87 -0.01 4.21
C GLU A 430 -24.41 -1.35 3.63
N GLN A 431 -23.58 -1.30 2.57
CA GLN A 431 -22.97 -2.46 1.91
C GLN A 431 -21.66 -2.85 2.59
N THR A 432 -21.14 -4.05 2.29
CA THR A 432 -19.85 -4.52 2.83
C THR A 432 -18.71 -3.73 2.18
N GLN A 433 -17.69 -3.40 2.96
CA GLN A 433 -16.51 -2.66 2.48
C GLN A 433 -15.25 -3.42 2.86
N TYR A 434 -15.08 -4.63 2.30
CA TYR A 434 -13.92 -5.47 2.54
C TYR A 434 -12.70 -4.82 1.91
N GLU A 435 -11.62 -4.66 2.70
CA GLU A 435 -10.37 -4.03 2.27
C GLU A 435 -9.19 -4.63 3.01
N THR A 436 -7.98 -4.52 2.43
CA THR A 436 -6.74 -4.96 3.05
C THR A 436 -5.95 -3.72 3.47
N ILE A 437 -5.59 -3.68 4.75
CA ILE A 437 -4.84 -2.57 5.35
C ILE A 437 -3.51 -3.09 5.90
N GLN A 438 -2.48 -2.24 5.95
CA GLN A 438 -1.20 -2.63 6.54
C GLN A 438 -1.15 -2.04 7.94
N LEU A 439 -1.04 -2.90 8.97
CA LEU A 439 -1.00 -2.45 10.36
C LEU A 439 0.36 -1.88 10.70
N GLN A 440 0.40 -0.60 11.08
CA GLN A 440 1.62 0.13 11.43
C GLN A 440 1.70 0.32 12.94
N GLY A 441 0.58 0.71 13.53
CA GLY A 441 0.46 0.95 14.96
C GLY A 441 0.08 -0.31 15.72
N SER A 442 0.34 -0.27 17.04
CA SER A 442 0.08 -1.37 17.97
C SER A 442 -1.42 -1.72 18.03
N PHE A 443 -1.70 -3.00 18.26
CA PHE A 443 -3.03 -3.58 18.31
C PHE A 443 -3.05 -4.81 19.21
N THR A 444 -4.22 -5.12 19.77
CA THR A 444 -4.41 -6.27 20.64
C THR A 444 -5.48 -7.19 20.05
N ILE A 445 -5.20 -8.50 19.96
CA ILE A 445 -6.16 -9.48 19.48
C ILE A 445 -7.10 -9.78 20.66
N ASP A 446 -8.33 -9.25 20.64
CA ASP A 446 -9.29 -9.47 21.73
C ASP A 446 -9.87 -10.87 21.67
N LYS A 447 -9.95 -11.46 20.46
CA LYS A 447 -10.49 -12.80 20.20
C LYS A 447 -10.00 -13.35 18.87
N LEU A 448 -9.88 -14.70 18.79
CA LEU A 448 -9.54 -15.49 17.61
C LEU A 448 -10.62 -16.56 17.43
N THR A 449 -11.19 -16.68 16.22
CA THR A 449 -12.25 -17.65 15.94
C THR A 449 -12.00 -18.39 14.63
N ASN A 450 -12.05 -19.73 14.67
CA ASN A 450 -11.94 -20.55 13.47
C ASN A 450 -13.29 -20.46 12.76
N THR A 451 -13.32 -19.85 11.56
CA THR A 451 -14.53 -19.59 10.78
C THR A 451 -15.31 -20.86 10.36
N GLN A 452 -14.64 -22.02 10.17
CA GLN A 452 -15.31 -23.25 9.74
C GLN A 452 -15.97 -23.98 10.92
N THR A 453 -15.21 -24.26 11.99
CA THR A 453 -15.68 -24.97 13.18
C THR A 453 -16.51 -24.06 14.09
N GLY A 454 -16.17 -22.77 14.08
CA GLY A 454 -16.83 -21.74 14.89
C GLY A 454 -16.28 -21.64 16.30
N GLU A 455 -15.18 -22.36 16.59
CA GLU A 455 -14.59 -22.40 17.93
C GLU A 455 -13.59 -21.24 18.14
N GLU A 456 -13.43 -20.85 19.42
CA GLU A 456 -12.53 -19.79 19.87
C GLU A 456 -11.16 -20.39 20.13
N VAL A 457 -10.23 -20.19 19.19
CA VAL A 457 -8.86 -20.70 19.26
C VAL A 457 -7.92 -19.66 19.92
N THR A 458 -6.70 -20.08 20.29
CA THR A 458 -5.73 -19.22 20.99
C THR A 458 -4.55 -18.77 20.12
N ALA A 459 -4.33 -19.40 18.95
CA ALA A 459 -3.21 -19.05 18.07
C ALA A 459 -3.60 -19.05 16.59
N THR A 460 -2.77 -18.39 15.76
CA THR A 460 -2.94 -18.30 14.31
C THR A 460 -2.02 -19.29 13.59
N SER A 461 -2.38 -19.68 12.36
CA SER A 461 -1.61 -20.59 11.49
C SER A 461 -1.58 -20.00 10.08
N PHE A 462 -0.39 -19.57 9.64
CA PHE A 462 -0.17 -18.94 8.34
C PHE A 462 0.20 -19.99 7.29
N ASP A 463 -0.49 -19.93 6.14
CA ASP A 463 -0.30 -20.83 5.01
C ASP A 463 0.16 -20.09 3.76
N SER A 464 1.07 -20.74 3.03
CA SER A 464 1.62 -20.30 1.76
C SER A 464 2.10 -21.52 1.00
N SER A 465 2.17 -21.42 -0.33
CA SER A 465 2.70 -22.48 -1.18
C SER A 465 4.22 -22.48 -1.07
N GLU A 466 4.85 -23.62 -1.35
CA GLU A 466 6.30 -23.76 -1.30
C GLU A 466 6.95 -22.73 -2.24
N PRO A 467 7.87 -21.88 -1.77
CA PRO A 467 8.46 -20.88 -2.67
C PRO A 467 9.37 -21.54 -3.68
N HIS A 468 9.54 -20.93 -4.86
CA HIS A 468 10.39 -21.44 -5.92
C HIS A 468 11.86 -21.24 -5.64
N THR A 469 12.66 -22.17 -6.15
CA THR A 469 14.12 -22.26 -6.08
C THR A 469 14.57 -22.79 -7.43
N ASP A 470 15.88 -22.86 -7.66
CA ASP A 470 16.40 -23.41 -8.91
C ASP A 470 16.26 -24.94 -8.98
N SER A 471 16.03 -25.64 -7.87
CA SER A 471 15.91 -27.10 -7.90
C SER A 471 14.48 -27.62 -7.67
N ASN A 472 13.51 -26.74 -7.32
CA ASN A 472 12.15 -27.23 -7.04
C ASN A 472 11.18 -27.08 -8.23
N TYR A 473 9.92 -27.59 -8.04
CA TYR A 473 8.80 -27.63 -9.01
C TYR A 473 9.24 -28.37 -10.28
N ILE A 474 9.77 -29.59 -10.05
CA ILE A 474 10.29 -30.50 -11.06
C ILE A 474 9.39 -31.75 -11.12
N THR A 475 8.30 -31.76 -10.31
CA THR A 475 7.33 -32.86 -10.26
C THR A 475 5.92 -32.30 -10.47
N GLN A 476 5.00 -33.15 -10.97
CA GLN A 476 3.60 -32.83 -11.24
C GLN A 476 2.86 -32.51 -9.93
N GLU A 477 3.11 -33.32 -8.86
CA GLU A 477 2.51 -33.17 -7.54
C GLU A 477 2.71 -31.74 -7.01
N GLU A 478 3.96 -31.23 -7.08
CA GLU A 478 4.37 -29.88 -6.67
C GLU A 478 3.53 -28.80 -7.37
N TRP A 479 3.37 -28.91 -8.71
CA TRP A 479 2.62 -27.99 -9.54
C TRP A 479 1.11 -28.06 -9.31
N ASP A 480 0.57 -29.29 -9.08
CA ASP A 480 -0.84 -29.53 -8.78
C ASP A 480 -1.21 -28.94 -7.41
N GLN A 481 -0.29 -29.07 -6.44
CA GLN A 481 -0.42 -28.54 -5.08
C GLN A 481 -0.44 -27.02 -5.09
N LEU A 482 0.43 -26.38 -5.94
CA LEU A 482 0.49 -24.93 -6.10
C LEU A 482 -0.89 -24.43 -6.54
N GLU A 483 -1.42 -25.06 -7.61
CA GLU A 483 -2.72 -24.80 -8.22
C GLU A 483 -3.86 -24.98 -7.22
N GLN A 484 -3.84 -26.08 -6.43
CA GLN A 484 -4.89 -26.40 -5.47
C GLN A 484 -4.86 -25.46 -4.27
N GLN A 485 -3.66 -25.20 -3.67
CA GLN A 485 -3.51 -24.31 -2.52
C GLN A 485 -4.00 -22.90 -2.82
N ASN A 486 -3.79 -22.44 -4.07
CA ASN A 486 -4.22 -21.12 -4.53
C ASN A 486 -5.74 -21.08 -4.69
N LYS A 487 -6.32 -22.13 -5.31
CA LYS A 487 -7.76 -22.28 -5.55
C LYS A 487 -8.54 -22.32 -4.22
N GLU A 488 -8.04 -23.07 -3.21
CA GLU A 488 -8.73 -23.18 -1.92
C GLU A 488 -8.60 -21.93 -1.08
N LEU A 489 -7.51 -21.14 -1.23
CA LEU A 489 -7.36 -19.88 -0.53
C LEU A 489 -8.30 -18.81 -1.09
N ILE A 490 -8.46 -18.79 -2.42
CA ILE A 490 -9.35 -17.85 -3.12
C ILE A 490 -10.80 -18.17 -2.72
N GLU A 491 -11.22 -19.44 -2.82
CA GLU A 491 -12.57 -19.90 -2.45
C GLU A 491 -12.89 -19.55 -0.99
N LYS A 492 -11.91 -19.70 -0.06
CA LYS A 492 -12.05 -19.37 1.36
C LYS A 492 -12.41 -17.90 1.57
N TYR A 493 -11.74 -16.98 0.84
CA TYR A 493 -12.01 -15.55 0.93
C TYR A 493 -13.29 -15.17 0.20
N GLU A 494 -13.60 -15.85 -0.91
CA GLU A 494 -14.83 -15.63 -1.70
C GLU A 494 -16.06 -16.04 -0.90
N GLN A 495 -15.93 -17.08 -0.05
CA GLN A 495 -17.01 -17.56 0.82
C GLN A 495 -17.25 -16.57 1.98
N SER A 496 -16.16 -16.09 2.61
CA SER A 496 -16.22 -15.15 3.73
C SER A 496 -16.72 -13.76 3.34
N GLN A 497 -16.47 -13.33 2.07
CA GLN A 497 -16.84 -12.00 1.59
C GLN A 497 -18.24 -11.94 0.94
N SER A 498 -19.08 -12.97 1.13
CA SER A 498 -20.45 -13.03 0.60
C SER A 498 -21.33 -13.93 1.45
#